data_8B52
#
_entry.id   8B52
#
_cell.length_a   53.294
_cell.length_b   95.643
_cell.length_c   110.424
_cell.angle_alpha   90.000
_cell.angle_beta   90.000
_cell.angle_gamma   90.000
#
_symmetry.space_group_name_H-M   'P 21 21 21'
#
loop_
_entity.id
_entity.type
_entity.pdbx_description
1 polymer 'Genome polyprotein'
2 non-polymer 'SULFATE ION'
3 non-polymer S-ADENOSYL-L-HOMOCYSTEINE
4 non-polymer GLYCEROL
5 non-polymer S-ADENOSYLMETHIONINE
6 water water
#
_entity_poly.entity_id   1
_entity_poly.type   'polypeptide(L)'
_entity_poly.pdbx_seq_one_letter_code
;GGRTLGEQWKEKLNGLSKEDFLKYRKEAITEVDRSAARKARRDGNKTGGHPVSRGSAKLRWMVERQFVKPIGKVVDLGCG
RGGWSYYAATLKGVQEVRGYTKGGPGHEEPMLMQSYGWNLVTMKSGVDVYYKPSEPCDTLFCDIGESSSSAEVEEQRTLR
ILEMVSDWLQRGPREFCIKVLCPYMPRVMERLEVLQRRYGGGLVRVPLSRNSNHEMYWVSGAAGNIVHAVNMTSQVLIGR
MEKRTWHGPKYEEDVNLGSGTRAVG
;
_entity_poly.pdbx_strand_id   A,B
#
# COMPACT_ATOMS: atom_id res chain seq x y z
N ARG A 3 -8.34 -21.82 20.76
CA ARG A 3 -8.43 -21.95 22.21
C ARG A 3 -8.55 -20.56 22.83
N THR A 4 -7.58 -19.70 22.53
CA THR A 4 -7.70 -18.29 22.87
C THR A 4 -8.33 -17.53 21.71
N LEU A 5 -8.83 -16.34 22.00
CA LEU A 5 -9.44 -15.53 20.96
C LEU A 5 -8.42 -15.12 19.90
N GLY A 6 -7.15 -15.01 20.28
CA GLY A 6 -6.12 -14.69 19.31
C GLY A 6 -5.77 -15.85 18.40
N GLU A 7 -5.92 -17.08 18.89
CA GLU A 7 -5.69 -18.25 18.04
C GLU A 7 -6.84 -18.45 17.05
N GLN A 8 -8.06 -18.09 17.44
CA GLN A 8 -9.17 -18.13 16.50
C GLN A 8 -8.97 -17.11 15.39
N TRP A 9 -8.47 -15.91 15.74
CA TRP A 9 -8.17 -14.91 14.73
C TRP A 9 -7.06 -15.39 13.79
N LYS A 10 -6.02 -16.02 14.35
CA LYS A 10 -4.93 -16.52 13.52
C LYS A 10 -5.43 -17.58 12.54
N GLU A 11 -6.29 -18.49 13.02
CA GLU A 11 -6.87 -19.51 12.14
C GLU A 11 -7.71 -18.86 11.05
N LYS A 12 -8.58 -17.93 11.43
CA LYS A 12 -9.38 -17.21 10.44
C LYS A 12 -8.49 -16.45 9.46
N LEU A 13 -7.40 -15.86 9.95
CA LEU A 13 -6.51 -15.10 9.09
C LEU A 13 -5.84 -15.99 8.05
N ASN A 14 -5.38 -17.17 8.48
CA ASN A 14 -4.73 -18.09 7.56
C ASN A 14 -5.70 -18.60 6.49
N GLY A 15 -6.99 -18.63 6.80
CA GLY A 15 -7.98 -19.09 5.85
C GLY A 15 -8.53 -18.04 4.90
N LEU A 16 -7.96 -16.84 4.91
CA LEU A 16 -8.43 -15.79 4.02
C LEU A 16 -7.87 -15.97 2.62
N SER A 17 -8.64 -15.51 1.63
CA SER A 17 -8.14 -15.46 0.28
C SER A 17 -7.20 -14.27 0.09
N LYS A 18 -6.38 -14.34 -0.95
CA LYS A 18 -5.41 -13.29 -1.21
C LYS A 18 -6.06 -11.93 -1.34
N GLU A 19 -7.24 -11.87 -1.96
CA GLU A 19 -7.93 -10.60 -2.17
C GLU A 19 -8.66 -10.13 -0.93
N ASP A 20 -9.20 -11.06 -0.14
CA ASP A 20 -9.77 -10.68 1.15
C ASP A 20 -8.68 -10.21 2.11
N PHE A 21 -7.50 -10.85 2.04
CA PHE A 21 -6.37 -10.46 2.87
C PHE A 21 -6.03 -8.99 2.67
N LEU A 22 -5.90 -8.56 1.41
CA LEU A 22 -5.52 -7.18 1.12
C LEU A 22 -6.55 -6.19 1.68
N LYS A 23 -7.83 -6.49 1.49
CA LYS A 23 -8.88 -5.57 1.93
C LYS A 23 -8.98 -5.51 3.45
N TYR A 24 -8.65 -6.61 4.13
CA TYR A 24 -8.79 -6.65 5.58
C TYR A 24 -7.60 -6.02 6.31
N ARG A 25 -6.40 -6.13 5.73
CA ARG A 25 -5.18 -5.77 6.46
C ARG A 25 -5.10 -4.27 6.78
N LYS A 26 -5.75 -3.43 6.00
CA LYS A 26 -5.73 -1.99 6.24
C LYS A 26 -7.08 -1.39 6.60
N GLU A 27 -8.11 -2.21 6.77
CA GLU A 27 -9.44 -1.68 7.08
C GLU A 27 -9.45 -1.11 8.49
N ALA A 28 -9.76 0.19 8.60
CA ALA A 28 -9.91 0.97 9.83
C ALA A 28 -8.59 1.34 10.50
N ILE A 29 -7.46 0.87 9.99
CA ILE A 29 -6.17 1.17 10.62
C ILE A 29 -5.75 2.60 10.28
N THR A 30 -4.93 3.17 11.17
CA THR A 30 -4.37 4.50 10.95
C THR A 30 -3.06 4.38 10.17
N GLU A 31 -2.97 5.11 9.05
CA GLU A 31 -1.82 5.01 8.16
C GLU A 31 -1.31 6.41 7.83
N VAL A 32 0.00 6.57 7.88
CA VAL A 32 0.63 7.86 7.71
C VAL A 32 1.10 8.01 6.26
N ASP A 33 1.46 9.23 5.89
CA ASP A 33 1.99 9.51 4.56
C ASP A 33 3.47 9.14 4.51
N ARG A 34 3.88 8.44 3.45
CA ARG A 34 5.26 8.03 3.28
C ARG A 34 5.89 8.63 2.03
N SER A 35 5.23 9.58 1.38
CA SER A 35 5.69 10.07 0.08
C SER A 35 6.97 10.89 0.22
N ALA A 36 6.97 11.92 1.06
CA ALA A 36 8.16 12.73 1.26
C ALA A 36 9.34 11.88 1.72
N ALA A 37 9.07 10.79 2.43
CA ALA A 37 10.16 9.90 2.84
C ALA A 37 10.72 9.13 1.66
N ARG A 38 9.87 8.78 0.70
CA ARG A 38 10.32 7.96 -0.44
C ARG A 38 10.96 8.77 -1.54
N LYS A 39 10.68 10.08 -1.63
CA LYS A 39 11.32 10.89 -2.66
C LYS A 39 12.69 11.35 -2.21
N ALA A 40 12.76 11.76 -0.94
CA ALA A 40 14.03 12.20 -0.35
C ALA A 40 14.96 11.00 -0.24
N ARG A 41 14.37 9.81 -0.15
CA ARG A 41 15.17 8.58 0.03
C ARG A 41 15.84 8.21 -1.29
N ARG A 42 15.60 8.96 -2.35
CA ARG A 42 16.34 8.70 -3.60
C ARG A 42 17.22 9.92 -3.73
N ASP A 43 16.67 11.11 -3.51
CA ASP A 43 17.22 12.42 -4.00
C ASP A 43 18.35 12.89 -3.09
N GLY A 44 18.82 12.03 -2.17
CA GLY A 44 19.91 12.37 -1.23
C GLY A 44 19.46 13.29 -0.11
N ASN A 45 18.17 13.63 -0.06
CA ASN A 45 17.70 14.61 0.96
C ASN A 45 17.69 13.93 2.32
N LYS A 46 18.77 14.09 3.07
CA LYS A 46 18.85 13.59 4.45
C LYS A 46 18.41 14.76 5.34
N THR A 47 17.96 15.87 4.74
CA THR A 47 17.60 17.05 5.49
C THR A 47 16.10 17.27 5.64
N GLY A 48 15.27 16.53 4.91
CA GLY A 48 13.85 16.85 4.83
C GLY A 48 13.11 16.77 6.15
N GLY A 49 13.61 15.97 7.09
CA GLY A 49 12.88 15.70 8.31
C GLY A 49 11.81 14.64 8.18
N HIS A 50 11.80 13.92 7.07
CA HIS A 50 10.78 12.91 6.80
C HIS A 50 11.24 11.57 7.39
N PRO A 51 10.44 10.95 8.27
CA PRO A 51 10.88 9.72 8.93
C PRO A 51 11.26 8.62 7.94
N VAL A 52 12.26 7.82 8.35
CA VAL A 52 12.78 6.77 7.47
C VAL A 52 11.90 5.54 7.40
N SER A 53 10.91 5.41 8.29
CA SER A 53 10.09 4.21 8.33
C SER A 53 8.75 4.56 8.96
N ARG A 54 7.80 3.61 8.84
CA ARG A 54 6.53 3.73 9.55
C ARG A 54 6.69 3.56 11.05
N GLY A 55 7.77 2.94 11.51
CA GLY A 55 7.96 2.73 12.93
C GLY A 55 8.08 4.02 13.71
N SER A 56 8.47 5.10 13.03
CA SER A 56 8.58 6.40 13.70
C SER A 56 7.24 6.88 14.21
N ALA A 57 6.19 6.75 13.40
CA ALA A 57 4.84 7.21 13.78
C ALA A 57 4.21 6.28 14.82
N LYS A 58 4.63 5.02 14.84
CA LYS A 58 4.14 4.07 15.87
C LYS A 58 4.68 4.49 17.24
N LEU A 59 5.92 4.97 17.31
CA LEU A 59 6.51 5.30 18.62
C LEU A 59 5.94 6.63 19.14
N ARG A 60 5.89 7.75 18.23
CA ARG A 60 5.27 9.05 18.60
C ARG A 60 3.90 8.77 19.21
N TRP A 61 3.04 7.69 18.63
CA TRP A 61 1.67 7.39 19.11
C TRP A 61 1.73 7.06 20.61
N MET A 62 2.78 6.36 21.04
CA MET A 62 2.90 5.94 22.45
C MET A 62 3.55 7.04 23.32
N VAL A 63 4.56 7.77 22.82
CA VAL A 63 5.27 8.80 23.65
C VAL A 63 4.32 9.97 23.92
N GLU A 64 3.48 10.27 22.95
CA GLU A 64 2.57 11.39 23.11
C GLU A 64 1.45 11.05 24.08
N ARG A 65 1.03 9.80 24.15
CA ARG A 65 0.10 9.32 25.15
C ARG A 65 0.81 8.85 26.41
N GLN A 66 2.12 9.10 26.52
CA GLN A 66 2.89 8.84 27.73
C GLN A 66 2.82 7.38 28.16
N PHE A 67 2.78 6.48 27.18
CA PHE A 67 3.03 5.07 27.47
C PHE A 67 4.52 4.80 27.67
N VAL A 68 5.38 5.68 27.17
CA VAL A 68 6.81 5.62 27.43
C VAL A 68 7.36 7.05 27.29
N LYS A 69 8.33 7.39 28.12
CA LYS A 69 8.90 8.74 28.16
C LYS A 69 10.42 8.63 28.03
N PRO A 70 10.93 8.61 26.80
CA PRO A 70 12.38 8.43 26.61
C PRO A 70 13.19 9.53 27.31
N ILE A 71 14.37 9.14 27.78
CA ILE A 71 15.22 10.02 28.57
C ILE A 71 16.62 9.41 28.69
N GLY A 72 17.63 10.26 28.88
CA GLY A 72 18.97 9.76 29.16
C GLY A 72 19.56 9.03 27.96
N LYS A 73 20.16 7.88 28.23
CA LYS A 73 20.70 7.02 27.19
C LYS A 73 19.61 6.07 26.72
N VAL A 74 19.36 6.04 25.43
CA VAL A 74 18.38 5.14 24.82
C VAL A 74 19.14 4.08 24.04
N VAL A 75 18.83 2.81 24.31
CA VAL A 75 19.34 1.69 23.53
C VAL A 75 18.20 1.15 22.69
N ASP A 76 18.41 1.09 21.38
CA ASP A 76 17.38 0.68 20.42
C ASP A 76 17.79 -0.64 19.79
N LEU A 77 17.27 -1.74 20.32
CA LEU A 77 17.57 -3.06 19.79
C LEU A 77 16.69 -3.34 18.58
N GLY A 78 17.32 -3.79 17.49
CA GLY A 78 16.58 -4.04 16.26
C GLY A 78 16.14 -2.74 15.63
N CYS A 79 17.10 -1.80 15.52
CA CYS A 79 16.75 -0.45 15.09
C CYS A 79 16.39 -0.38 13.61
N GLY A 80 16.86 -1.35 12.81
CA GLY A 80 16.54 -1.33 11.39
C GLY A 80 17.08 -0.07 10.73
N ARG A 81 16.21 0.61 9.98
CA ARG A 81 16.60 1.88 9.38
C ARG A 81 16.89 2.94 10.44
N GLY A 82 16.23 2.86 11.60
CA GLY A 82 16.45 3.82 12.66
C GLY A 82 15.27 4.73 12.93
N GLY A 83 14.06 4.26 12.64
CA GLY A 83 12.89 5.09 12.83
C GLY A 83 12.67 5.49 14.28
N TRP A 84 12.80 4.52 15.19
CA TRP A 84 12.67 4.85 16.60
C TRP A 84 13.86 5.66 17.10
N SER A 85 15.05 5.39 16.56
CA SER A 85 16.24 6.10 17.02
C SER A 85 16.18 7.58 16.65
N TYR A 86 15.76 7.90 15.43
CA TYR A 86 15.74 9.30 15.02
C TYR A 86 14.58 10.05 15.66
N TYR A 87 13.50 9.37 16.00
CA TYR A 87 12.42 10.05 16.72
C TYR A 87 12.82 10.34 18.16
N ALA A 88 13.45 9.37 18.83
CA ALA A 88 13.88 9.59 20.21
C ALA A 88 14.92 10.69 20.31
N ALA A 89 15.73 10.87 19.26
CA ALA A 89 16.77 11.90 19.26
C ALA A 89 16.20 13.31 19.22
N THR A 90 14.91 13.48 18.89
CA THR A 90 14.29 14.79 18.91
C THR A 90 13.76 15.17 20.29
N LEU A 91 13.55 14.20 21.17
CA LEU A 91 12.91 14.47 22.45
C LEU A 91 13.88 15.14 23.41
N LYS A 92 13.34 15.95 24.32
CA LYS A 92 14.17 16.81 25.14
C LYS A 92 14.93 16.00 26.19
N GLY A 93 14.31 14.98 26.79
CA GLY A 93 14.98 14.22 27.82
C GLY A 93 16.14 13.37 27.33
N VAL A 94 16.22 13.14 26.02
CA VAL A 94 17.17 12.19 25.45
C VAL A 94 18.50 12.88 25.21
N GLN A 95 19.60 12.24 25.61
CA GLN A 95 20.94 12.72 25.36
C GLN A 95 21.75 11.84 24.44
N GLU A 96 21.52 10.53 24.45
CA GLU A 96 22.31 9.63 23.61
C GLU A 96 21.44 8.48 23.16
N VAL A 97 21.56 8.11 21.88
CA VAL A 97 20.80 7.02 21.30
C VAL A 97 21.79 6.04 20.66
N ARG A 98 21.77 4.79 21.15
CA ARG A 98 22.60 3.72 20.61
C ARG A 98 21.68 2.66 20.04
N GLY A 99 21.71 2.47 18.72
CA GLY A 99 20.87 1.49 18.08
C GLY A 99 21.64 0.34 17.46
N TYR A 100 21.14 -0.88 17.66
CA TYR A 100 21.75 -2.07 17.11
C TYR A 100 20.76 -2.78 16.21
N THR A 101 21.27 -3.43 15.16
CA THR A 101 20.40 -4.14 14.23
C THR A 101 21.22 -5.19 13.48
N LYS A 102 20.55 -6.27 13.09
CA LYS A 102 21.24 -7.44 12.55
C LYS A 102 21.93 -7.11 11.23
N GLY A 103 21.18 -6.57 10.27
CA GLY A 103 21.77 -6.28 8.98
C GLY A 103 22.08 -7.55 8.20
N GLY A 104 22.80 -7.35 7.10
CA GLY A 104 23.05 -8.43 6.16
C GLY A 104 21.94 -8.50 5.14
N PRO A 105 22.01 -9.47 4.24
CA PRO A 105 20.98 -9.57 3.19
C PRO A 105 19.62 -9.89 3.80
N GLY A 106 18.60 -9.17 3.34
CA GLY A 106 17.26 -9.39 3.84
C GLY A 106 16.93 -8.74 5.16
N HIS A 107 17.86 -7.96 5.73
CA HIS A 107 17.62 -7.21 6.95
C HIS A 107 17.97 -5.75 6.69
N GLU A 108 17.18 -4.86 7.28
CA GLU A 108 17.32 -3.43 6.98
C GLU A 108 18.64 -2.88 7.50
N GLU A 109 19.26 -2.02 6.70
CA GLU A 109 20.49 -1.32 7.06
C GLU A 109 20.17 0.06 7.60
N PRO A 110 20.83 0.50 8.67
CA PRO A 110 20.59 1.86 9.18
C PRO A 110 20.83 2.91 8.11
N MET A 111 19.92 3.88 8.03
CA MET A 111 20.05 5.03 7.14
C MET A 111 20.65 6.20 7.90
N LEU A 112 21.57 6.90 7.25
CA LEU A 112 22.14 8.12 7.82
C LEU A 112 21.26 9.30 7.42
N MET A 113 20.74 10.02 8.42
CA MET A 113 19.87 11.16 8.20
C MET A 113 20.34 12.33 9.04
N GLN A 114 19.89 13.52 8.64
CA GLN A 114 20.21 14.75 9.35
C GLN A 114 18.98 15.38 9.99
N SER A 115 18.04 14.54 10.44
CA SER A 115 16.91 15.04 11.22
C SER A 115 17.41 15.65 12.53
N TYR A 116 16.50 16.31 13.23
CA TYR A 116 16.87 17.03 14.45
C TYR A 116 17.45 16.08 15.48
N GLY A 117 18.65 16.39 15.94
CA GLY A 117 19.32 15.57 16.93
C GLY A 117 20.11 14.39 16.39
N TRP A 118 20.41 14.37 15.09
CA TRP A 118 21.08 13.23 14.50
C TRP A 118 22.49 13.01 15.04
N ASN A 119 23.12 14.06 15.58
CA ASN A 119 24.45 13.91 16.14
C ASN A 119 24.47 13.03 17.39
N LEU A 120 23.31 12.81 18.00
CA LEU A 120 23.20 11.95 19.17
C LEU A 120 23.00 10.48 18.81
N VAL A 121 22.72 10.18 17.55
CA VAL A 121 22.41 8.82 17.12
C VAL A 121 23.69 8.14 16.65
N THR A 122 24.00 7.00 17.25
CA THR A 122 25.02 6.09 16.74
C THR A 122 24.36 4.74 16.56
N MET A 123 24.23 4.30 15.30
CA MET A 123 23.67 3.01 14.98
C MET A 123 24.78 2.09 14.50
N LYS A 124 24.73 0.83 14.93
CA LYS A 124 25.73 -0.17 14.56
C LYS A 124 25.01 -1.37 13.97
N SER A 125 25.22 -1.64 12.69
CA SER A 125 24.64 -2.81 12.07
C SER A 125 25.60 -4.00 12.19
N GLY A 126 25.11 -5.17 11.80
CA GLY A 126 25.90 -6.38 11.96
C GLY A 126 25.95 -6.91 13.37
N VAL A 127 24.96 -6.58 14.20
CA VAL A 127 24.93 -7.00 15.60
C VAL A 127 23.67 -7.85 15.81
N ASP A 128 23.85 -9.14 16.06
CA ASP A 128 22.75 -10.00 16.50
C ASP A 128 22.53 -9.76 17.99
N VAL A 129 21.36 -9.25 18.34
CA VAL A 129 21.10 -8.86 19.73
C VAL A 129 21.10 -10.07 20.65
N TYR A 130 20.74 -11.25 20.14
CA TYR A 130 20.68 -12.44 20.98
C TYR A 130 22.05 -12.82 21.57
N TYR A 131 23.14 -12.24 21.08
CA TYR A 131 24.46 -12.53 21.61
C TYR A 131 25.22 -11.29 22.04
N LYS A 132 24.60 -10.13 21.99
CA LYS A 132 25.29 -8.92 22.43
C LYS A 132 25.12 -8.74 23.93
N PRO A 133 26.19 -8.47 24.67
CA PRO A 133 26.04 -8.23 26.10
C PRO A 133 25.25 -6.97 26.38
N SER A 134 24.56 -6.97 27.52
CA SER A 134 23.81 -5.79 27.92
C SER A 134 24.75 -4.70 28.42
N GLU A 135 24.30 -3.47 28.32
CA GLU A 135 25.02 -2.30 28.79
C GLU A 135 24.06 -1.41 29.56
N PRO A 136 24.57 -0.57 30.47
CA PRO A 136 23.68 0.36 31.18
C PRO A 136 22.98 1.29 30.23
N CYS A 137 21.70 1.55 30.51
CA CYS A 137 20.91 2.51 29.74
C CYS A 137 19.73 2.96 30.60
N ASP A 138 19.12 4.06 30.18
CA ASP A 138 17.95 4.62 30.85
C ASP A 138 16.65 4.32 30.15
N THR A 139 16.68 4.11 28.84
CA THR A 139 15.49 3.84 28.04
C THR A 139 15.80 2.67 27.12
N LEU A 140 14.93 1.66 27.14
CA LEU A 140 15.15 0.42 26.39
C LEU A 140 14.06 0.25 25.35
N PHE A 141 14.46 0.25 24.08
CA PHE A 141 13.58 -0.07 22.96
C PHE A 141 13.92 -1.46 22.42
N CYS A 142 12.90 -2.17 21.96
CA CYS A 142 13.12 -3.42 21.23
C CYS A 142 11.93 -3.64 20.31
N ASP A 143 12.18 -3.64 19.01
CA ASP A 143 11.10 -3.71 18.02
C ASP A 143 11.31 -4.90 17.09
N ILE A 144 11.62 -6.07 17.65
CA ILE A 144 11.98 -7.26 16.89
C ILE A 144 10.84 -8.26 16.93
N GLY A 145 10.58 -8.90 15.79
CA GLY A 145 9.54 -9.90 15.70
C GLY A 145 9.10 -10.17 14.28
N GLU A 146 9.68 -11.21 13.66
CA GLU A 146 9.35 -11.55 12.28
C GLU A 146 8.11 -12.42 12.25
N SER A 147 7.04 -11.91 11.63
CA SER A 147 5.78 -12.62 11.63
C SER A 147 5.86 -13.86 10.75
N SER A 148 4.97 -14.81 11.04
CA SER A 148 4.95 -16.09 10.34
C SER A 148 3.53 -16.63 10.35
N SER A 149 3.21 -17.44 9.34
CA SER A 149 1.88 -18.04 9.25
C SER A 149 1.63 -18.99 10.42
N SER A 150 2.69 -19.54 11.00
CA SER A 150 2.57 -20.43 12.15
C SER A 150 2.60 -19.58 13.43
N ALA A 151 1.54 -19.69 14.23
CA ALA A 151 1.55 -19.02 15.52
C ALA A 151 2.54 -19.67 16.49
N GLU A 152 2.83 -20.97 16.29
CA GLU A 152 3.81 -21.65 17.12
C GLU A 152 5.21 -21.09 16.87
N VAL A 153 5.53 -20.78 15.61
CA VAL A 153 6.80 -20.11 15.31
C VAL A 153 6.85 -18.76 16.00
N GLU A 154 5.79 -17.97 15.86
CA GLU A 154 5.75 -16.65 16.48
C GLU A 154 5.88 -16.74 17.99
N GLU A 155 5.33 -17.79 18.60
CA GLU A 155 5.45 -17.97 20.04
C GLU A 155 6.91 -18.17 20.45
N GLN A 156 7.63 -19.02 19.72
CA GLN A 156 9.04 -19.26 20.02
C GLN A 156 9.88 -18.01 19.77
N ARG A 157 9.55 -17.26 18.72
CA ARG A 157 10.27 -16.02 18.45
C ARG A 157 9.97 -14.96 19.51
N THR A 158 8.72 -14.92 19.99
CA THR A 158 8.37 -13.95 21.01
C THR A 158 9.04 -14.26 22.35
N LEU A 159 9.03 -15.54 22.75
CA LEU A 159 9.65 -15.91 24.01
C LEU A 159 11.16 -15.67 23.98
N ARG A 160 11.80 -15.94 22.84
CA ARG A 160 13.23 -15.70 22.73
C ARG A 160 13.56 -14.22 22.91
N ILE A 161 12.73 -13.34 22.34
CA ILE A 161 12.88 -11.91 22.56
C ILE A 161 12.66 -11.58 24.02
N LEU A 162 11.58 -12.08 24.61
CA LEU A 162 11.29 -11.75 26.00
C LEU A 162 12.35 -12.31 26.95
N GLU A 163 13.03 -13.38 26.56
CA GLU A 163 14.15 -13.87 27.35
C GLU A 163 15.34 -12.92 27.24
N MET A 164 15.60 -12.41 26.03
CA MET A 164 16.76 -11.55 25.82
C MET A 164 16.61 -10.20 26.50
N VAL A 165 15.42 -9.62 26.43
CA VAL A 165 15.24 -8.25 26.92
C VAL A 165 15.37 -8.17 28.42
N SER A 166 15.11 -9.26 29.13
CA SER A 166 15.15 -9.23 30.59
C SER A 166 16.57 -8.99 31.11
N ASP A 167 17.58 -9.49 30.39
CA ASP A 167 18.97 -9.19 30.75
C ASP A 167 19.27 -7.71 30.58
N TRP A 168 18.53 -7.02 29.73
CA TRP A 168 18.68 -5.57 29.61
C TRP A 168 17.87 -4.85 30.67
N LEU A 169 16.70 -5.38 31.03
CA LEU A 169 15.87 -4.71 32.02
C LEU A 169 16.44 -4.84 33.43
N GLN A 170 17.18 -5.92 33.70
CA GLN A 170 17.83 -6.05 35.00
C GLN A 170 18.91 -4.98 35.21
N ARG A 171 19.34 -4.32 34.15
CA ARG A 171 20.31 -3.22 34.24
C ARG A 171 19.71 -1.95 34.81
N GLY A 172 18.41 -1.90 35.06
CA GLY A 172 17.80 -0.75 35.68
C GLY A 172 16.99 0.24 34.87
N PRO A 173 16.92 0.14 33.53
CA PRO A 173 16.12 1.14 32.80
C PRO A 173 14.66 1.06 33.21
N ARG A 174 14.28 2.50 33.38
CA ARG A 174 12.86 2.38 33.70
C ARG A 174 11.95 2.84 32.57
N GLU A 175 12.19 3.29 31.73
CA GLU A 175 11.39 3.51 30.53
C GLU A 175 11.72 2.40 29.55
N PHE A 176 10.69 1.76 29.00
CA PHE A 176 10.93 0.73 28.00
C PHE A 176 9.73 0.61 27.07
N CYS A 177 10.01 0.15 25.84
CA CYS A 177 8.97 -0.07 24.84
C CYS A 177 9.41 -1.29 24.03
N ILE A 178 8.79 -2.43 24.29
CA ILE A 178 9.22 -3.71 23.73
C ILE A 178 8.06 -4.34 22.97
N LYS A 179 8.32 -4.72 21.72
CA LYS A 179 7.28 -5.30 20.86
C LYS A 179 7.04 -6.76 21.24
N VAL A 180 5.77 -7.12 21.39
CA VAL A 180 5.34 -8.49 21.60
C VAL A 180 4.65 -8.93 20.30
N LEU A 181 5.36 -9.73 19.50
CA LEU A 181 4.82 -10.12 18.20
C LEU A 181 3.53 -10.93 18.36
N CYS A 182 3.53 -11.90 19.27
CA CYS A 182 2.44 -12.87 19.40
C CYS A 182 1.98 -12.90 20.85
N PRO A 183 1.23 -11.90 21.30
CA PRO A 183 0.83 -11.82 22.71
C PRO A 183 -0.40 -12.63 23.08
N TYR A 184 -0.95 -13.44 22.17
CA TYR A 184 -2.17 -14.17 22.45
C TYR A 184 -1.94 -15.64 22.82
N MET A 185 -0.72 -16.15 22.64
CA MET A 185 -0.42 -17.53 23.00
C MET A 185 -0.24 -17.66 24.51
N PRO A 186 -0.64 -18.81 25.07
CA PRO A 186 -0.60 -18.95 26.54
C PRO A 186 0.79 -18.83 27.14
N ARG A 187 1.82 -19.39 26.49
CA ARG A 187 3.17 -19.28 27.04
C ARG A 187 3.62 -17.82 27.10
N VAL A 188 3.23 -17.01 26.11
CA VAL A 188 3.62 -15.60 26.11
C VAL A 188 2.86 -14.84 27.19
N MET A 189 1.59 -15.15 27.39
CA MET A 189 0.80 -14.47 28.42
C MET A 189 1.37 -14.75 29.81
N GLU A 190 1.72 -15.99 30.10
CA GLU A 190 2.31 -16.33 31.40
C GLU A 190 3.63 -15.60 31.59
N ARG A 191 4.49 -15.62 30.56
CA ARG A 191 5.77 -14.94 30.66
C ARG A 191 5.59 -13.44 30.89
N LEU A 192 4.59 -12.84 30.25
CA LEU A 192 4.37 -11.40 30.39
C LEU A 192 3.92 -11.04 31.79
N GLU A 193 3.08 -11.88 32.40
CA GLU A 193 2.68 -11.63 33.78
C GLU A 193 3.87 -11.71 34.73
N VAL A 194 4.77 -12.67 34.49
CA VAL A 194 5.98 -12.76 35.30
C VAL A 194 6.85 -11.53 35.10
N LEU A 195 7.01 -11.10 33.85
CA LEU A 195 7.82 -9.91 33.57
C LEU A 195 7.13 -8.64 34.06
N GLN A 196 5.80 -8.60 34.01
CA GLN A 196 5.09 -7.43 34.51
C GLN A 196 5.22 -7.31 36.02
N ARG A 197 5.22 -8.46 36.72
CA ARG A 197 5.43 -8.44 38.17
C ARG A 197 6.79 -7.84 38.52
N ARG A 198 7.83 -8.25 37.79
CA ARG A 198 9.20 -7.87 38.13
C ARG A 198 9.53 -6.46 37.66
N TYR A 199 9.06 -6.05 36.48
CA TYR A 199 9.48 -4.79 35.89
C TYR A 199 8.34 -3.79 35.63
N GLY A 200 7.09 -4.21 35.75
CA GLY A 200 5.98 -3.29 35.60
C GLY A 200 5.49 -3.19 34.16
N GLY A 201 4.82 -2.06 33.89
CA GLY A 201 4.33 -1.79 32.55
C GLY A 201 3.03 -2.51 32.22
N GLY A 202 2.75 -2.60 30.93
CA GLY A 202 1.53 -3.23 30.46
C GLY A 202 1.52 -3.24 28.95
N LEU A 203 0.51 -3.94 28.41
CA LEU A 203 0.40 -4.10 26.97
C LEU A 203 -0.54 -3.06 26.37
N VAL A 204 -0.21 -2.61 25.16
CA VAL A 204 -0.98 -1.62 24.44
C VAL A 204 -0.96 -1.98 22.96
N ARG A 205 -2.05 -1.68 22.27
CA ARG A 205 -2.17 -1.89 20.83
C ARG A 205 -2.12 -0.55 20.12
N VAL A 206 -1.21 -0.43 19.16
CA VAL A 206 -1.06 0.82 18.39
C VAL A 206 -1.97 0.73 17.17
N PRO A 207 -2.81 1.75 16.95
CA PRO A 207 -3.75 1.68 15.81
C PRO A 207 -3.07 1.65 14.46
N LEU A 208 -1.82 2.12 14.38
CA LEU A 208 -1.09 2.08 13.12
C LEU A 208 -0.67 0.66 12.73
N SER A 209 -0.76 -0.29 13.65
CA SER A 209 -0.53 -1.68 13.29
C SER A 209 -1.57 -2.15 12.28
N ARG A 210 -1.18 -3.11 11.45
CA ARG A 210 -2.07 -3.66 10.46
C ARG A 210 -2.84 -4.85 11.04
N ASN A 211 -4.10 -4.98 10.63
CA ASN A 211 -4.94 -6.06 11.13
C ASN A 211 -4.39 -7.44 10.82
N SER A 212 -3.41 -7.55 9.92
CA SER A 212 -2.84 -8.83 9.55
C SER A 212 -1.86 -9.37 10.59
N ASN A 213 -1.65 -8.67 11.71
CA ASN A 213 -0.80 -9.18 12.78
C ASN A 213 -1.26 -8.61 14.10
N HIS A 214 -0.99 -9.34 15.18
CA HIS A 214 -1.54 -9.08 16.50
C HIS A 214 -0.57 -8.34 17.41
N GLU A 215 0.48 -7.72 16.86
CA GLU A 215 1.55 -7.15 17.68
C GLU A 215 0.98 -6.19 18.73
N MET A 216 1.60 -6.23 19.90
CA MET A 216 1.29 -5.29 20.98
C MET A 216 2.59 -4.97 21.69
N TYR A 217 2.65 -3.81 22.31
CA TYR A 217 3.89 -3.27 22.87
C TYR A 217 3.83 -3.23 24.39
N TRP A 218 4.80 -3.87 25.03
CA TRP A 218 4.97 -3.84 26.47
C TRP A 218 5.70 -2.55 26.83
N VAL A 219 4.95 -1.56 27.32
CA VAL A 219 5.48 -0.23 27.55
C VAL A 219 5.41 0.09 29.05
N SER A 220 6.40 0.88 29.51
CA SER A 220 6.56 1.11 30.93
C SER A 220 5.42 1.94 31.53
N GLY A 221 4.75 2.75 30.71
CA GLY A 221 3.70 3.61 31.21
C GLY A 221 2.30 3.03 31.19
N ALA A 222 2.14 1.78 30.78
CA ALA A 222 0.83 1.14 30.79
C ALA A 222 0.67 0.32 32.08
N ALA A 223 -0.51 -0.26 32.24
CA ALA A 223 -0.78 -1.10 33.41
C ALA A 223 -2.03 -1.93 33.13
N GLY A 224 -2.34 -2.82 34.07
CA GLY A 224 -3.59 -3.56 34.04
C GLY A 224 -3.43 -4.99 33.60
N ASN A 225 -4.56 -5.69 33.63
CA ASN A 225 -4.59 -7.13 33.34
C ASN A 225 -4.10 -7.39 31.93
N ILE A 226 -3.01 -8.16 31.83
CA ILE A 226 -2.40 -8.43 30.54
C ILE A 226 -3.31 -9.33 29.68
N VAL A 227 -3.89 -10.37 30.28
CA VAL A 227 -4.70 -11.31 29.51
C VAL A 227 -5.87 -10.61 28.85
N HIS A 228 -6.51 -9.67 29.57
CA HIS A 228 -7.68 -9.01 29.00
C HIS A 228 -7.29 -8.06 27.88
N ALA A 229 -6.22 -7.29 28.08
CA ALA A 229 -5.77 -6.35 27.05
C ALA A 229 -5.53 -7.05 25.72
N VAL A 230 -5.02 -8.28 25.77
CA VAL A 230 -4.85 -9.06 24.56
C VAL A 230 -6.21 -9.46 23.98
N ASN A 231 -7.14 -9.86 24.84
CA ASN A 231 -8.42 -10.38 24.34
C ASN A 231 -9.25 -9.28 23.68
N MET A 232 -9.26 -8.07 24.25
CA MET A 232 -10.04 -7.01 23.63
C MET A 232 -9.46 -6.56 22.30
N THR A 233 -8.13 -6.69 22.13
CA THR A 233 -7.54 -6.48 20.82
C THR A 233 -7.94 -7.61 19.86
N SER A 234 -7.99 -8.84 20.37
CA SER A 234 -8.44 -9.95 19.55
C SER A 234 -9.89 -9.79 19.11
N GLN A 235 -10.71 -9.14 19.95
CA GLN A 235 -12.11 -8.91 19.58
C GLN A 235 -12.21 -7.93 18.40
N VAL A 236 -11.51 -6.80 18.50
CA VAL A 236 -11.55 -5.80 17.43
C VAL A 236 -11.08 -6.41 16.12
N LEU A 237 -10.01 -7.19 16.16
CA LEU A 237 -9.46 -7.75 14.93
C LEU A 237 -10.43 -8.72 14.28
N ILE A 238 -11.13 -9.52 15.09
CA ILE A 238 -12.10 -10.46 14.54
C ILE A 238 -13.32 -9.73 14.02
N GLY A 239 -13.77 -8.70 14.75
CA GLY A 239 -14.88 -7.89 14.26
C GLY A 239 -14.57 -7.17 12.97
N ARG A 240 -13.28 -6.97 12.69
CA ARG A 240 -12.88 -6.27 11.43
C ARG A 240 -12.86 -7.27 10.27
N MET A 241 -12.82 -8.58 10.56
CA MET A 241 -12.85 -9.61 9.51
C MET A 241 -14.29 -9.79 9.04
N GLU A 242 -15.23 -9.83 9.99
CA GLU A 242 -16.66 -9.93 9.64
C GLU A 242 -17.11 -8.56 9.16
N LYS A 243 -16.97 -8.30 7.86
CA LYS A 243 -17.26 -6.93 7.41
C LYS A 243 -17.87 -6.91 6.01
N ARG A 244 -18.85 -6.04 5.80
CA ARG A 244 -19.49 -5.85 4.48
C ARG A 244 -19.02 -4.50 3.95
N THR A 245 -19.30 -3.43 4.71
CA THR A 245 -18.85 -2.07 4.34
C THR A 245 -17.34 -1.95 4.63
N TRP A 246 -16.50 -2.12 3.61
CA TRP A 246 -15.04 -2.03 3.76
C TRP A 246 -14.66 -0.60 3.41
N HIS A 247 -14.52 0.27 4.41
CA HIS A 247 -14.28 1.71 4.16
C HIS A 247 -12.78 2.01 4.03
N GLY A 248 -11.94 1.04 4.37
CA GLY A 248 -10.49 1.21 4.23
C GLY A 248 -9.82 1.83 5.43
N PRO A 249 -8.65 2.48 5.23
CA PRO A 249 -7.90 3.08 6.32
C PRO A 249 -8.14 4.56 6.60
N LYS A 250 -7.93 4.98 7.84
CA LYS A 250 -7.98 6.40 8.17
C LYS A 250 -6.59 6.98 7.91
N TYR A 251 -6.46 7.74 6.83
CA TYR A 251 -5.16 8.30 6.46
C TYR A 251 -4.82 9.50 7.32
N GLU A 252 -3.53 9.66 7.62
CA GLU A 252 -3.05 10.77 8.42
C GLU A 252 -1.69 11.22 7.90
N GLU A 253 -1.26 12.38 8.37
CA GLU A 253 0.06 12.88 8.04
C GLU A 253 1.04 12.52 9.16
N ASP A 254 2.28 12.26 8.78
CA ASP A 254 3.35 12.14 9.73
C ASP A 254 3.77 13.52 10.21
N VAL A 255 4.55 13.56 11.27
CA VAL A 255 5.11 14.82 11.77
C VAL A 255 6.55 14.90 11.29
N ASN A 256 6.99 16.12 11.01
CA ASN A 256 8.34 16.34 10.53
C ASN A 256 9.31 16.25 11.71
N LEU A 257 10.41 15.52 11.51
CA LEU A 257 11.38 15.36 12.58
C LEU A 257 12.27 16.58 12.77
N GLY A 258 12.39 17.42 11.75
CA GLY A 258 13.20 18.62 11.84
C GLY A 258 14.57 18.43 11.22
N SER A 259 15.50 19.30 11.65
CA SER A 259 16.86 19.27 11.15
C SER A 259 17.76 19.99 12.14
N GLY A 260 19.05 19.71 12.04
CA GLY A 260 20.06 20.42 12.82
C GLY A 260 20.62 19.56 13.95
N THR A 261 21.67 20.10 14.55
CA THR A 261 22.37 19.43 15.64
C THR A 261 21.82 19.87 16.99
N ARG A 262 22.05 19.03 18.00
CA ARG A 262 21.75 19.35 19.39
C ARG A 262 23.05 19.38 20.18
N ALA A 263 23.00 20.04 21.33
CA ALA A 263 24.19 20.26 22.16
C ALA A 263 24.96 18.97 22.44
N ARG B 3 -1.41 -23.35 -20.66
CA ARG B 3 -0.84 -23.55 -21.98
C ARG B 3 -0.17 -22.27 -22.48
N THR B 4 -0.82 -21.18 -22.25
CA THR B 4 -0.29 -19.86 -22.53
C THR B 4 0.62 -19.42 -21.38
N LEU B 5 1.65 -18.57 -21.75
CA LEU B 5 2.55 -18.06 -20.72
C LEU B 5 1.78 -17.37 -19.59
N GLY B 6 0.70 -16.65 -19.94
CA GLY B 6 -0.11 -16.01 -18.93
C GLY B 6 -0.89 -16.98 -18.07
N GLU B 7 -1.35 -18.08 -18.65
CA GLU B 7 -2.04 -19.10 -17.86
C GLU B 7 -1.11 -19.71 -16.82
N GLN B 8 0.16 -19.89 -17.17
CA GLN B 8 1.14 -20.40 -16.21
C GLN B 8 1.43 -19.36 -15.14
N TRP B 9 1.51 -18.08 -15.52
CA TRP B 9 1.71 -17.01 -14.55
C TRP B 9 0.56 -16.95 -13.55
N LYS B 10 -0.67 -17.18 -14.02
CA LYS B 10 -1.81 -17.14 -13.12
C LYS B 10 -1.78 -18.30 -12.13
N GLU B 11 -1.43 -19.50 -12.60
CA GLU B 11 -1.29 -20.64 -11.72
C GLU B 11 -0.18 -20.42 -10.70
N LYS B 12 0.95 -19.86 -11.15
CA LYS B 12 2.02 -19.52 -10.22
C LYS B 12 1.59 -18.42 -9.26
N LEU B 13 0.79 -17.46 -9.74
CA LEU B 13 0.31 -16.41 -8.85
C LEU B 13 -0.59 -16.97 -7.77
N ASN B 14 -1.45 -17.93 -8.11
CA ASN B 14 -2.34 -18.53 -7.13
C ASN B 14 -1.61 -19.45 -6.16
N GLY B 15 -0.40 -19.88 -6.49
CA GLY B 15 0.36 -20.74 -5.61
C GLY B 15 1.22 -20.03 -4.59
N LEU B 16 1.31 -18.71 -4.66
CA LEU B 16 2.10 -17.94 -3.71
C LEU B 16 1.40 -17.87 -2.36
N SER B 17 2.20 -17.70 -1.32
CA SER B 17 1.65 -17.45 0.00
C SER B 17 1.23 -16.00 0.12
N LYS B 18 0.36 -15.71 1.09
CA LYS B 18 -0.07 -14.33 1.33
C LYS B 18 1.13 -13.42 1.52
N GLU B 19 2.17 -13.92 2.16
CA GLU B 19 3.36 -13.12 2.43
C GLU B 19 4.13 -12.85 1.16
N ASP B 20 4.40 -13.89 0.37
CA ASP B 20 5.06 -13.69 -0.92
C ASP B 20 4.20 -12.85 -1.85
N PHE B 21 2.88 -13.01 -1.76
CA PHE B 21 1.97 -12.23 -2.60
C PHE B 21 2.13 -10.74 -2.34
N LEU B 22 2.25 -10.35 -1.07
CA LEU B 22 2.45 -8.94 -0.75
C LEU B 22 3.77 -8.42 -1.30
N LYS B 23 4.84 -9.21 -1.18
CA LYS B 23 6.13 -8.77 -1.73
C LYS B 23 6.05 -8.60 -3.23
N TYR B 24 5.41 -9.54 -3.92
CA TYR B 24 5.50 -9.63 -5.37
C TYR B 24 4.70 -8.54 -6.06
N ARG B 25 3.56 -8.16 -5.49
CA ARG B 25 2.57 -7.38 -6.24
C ARG B 25 3.10 -6.00 -6.64
N LYS B 26 3.99 -5.41 -5.84
CA LYS B 26 4.47 -4.07 -6.10
C LYS B 26 5.94 -4.02 -6.49
N GLU B 27 6.60 -5.16 -6.65
CA GLU B 27 8.04 -5.18 -6.89
C GLU B 27 8.32 -4.78 -8.34
N ALA B 28 9.11 -3.72 -8.50
CA ALA B 28 9.58 -3.11 -9.74
C ALA B 28 8.53 -2.27 -10.46
N ILE B 29 7.29 -2.20 -9.95
CA ILE B 29 6.29 -1.39 -10.64
C ILE B 29 6.54 0.09 -10.39
N THR B 30 5.89 0.92 -11.18
CA THR B 30 5.89 2.36 -10.96
C THR B 30 4.68 2.73 -10.10
N GLU B 31 4.91 3.60 -9.11
CA GLU B 31 3.85 3.99 -8.19
C GLU B 31 3.98 5.48 -7.89
N VAL B 32 2.83 6.14 -7.75
CA VAL B 32 2.79 7.60 -7.61
C VAL B 32 2.42 7.98 -6.19
N ASP B 33 2.80 9.21 -5.82
CA ASP B 33 2.40 9.80 -4.55
C ASP B 33 0.89 10.04 -4.54
N ARG B 34 0.21 9.45 -3.56
CA ARG B 34 -1.22 9.67 -3.37
C ARG B 34 -1.53 10.51 -2.16
N SER B 35 -0.52 10.98 -1.44
CA SER B 35 -0.66 11.74 -0.20
C SER B 35 -1.61 12.92 -0.33
N ALA B 36 -1.20 13.92 -1.12
CA ALA B 36 -2.01 15.12 -1.31
C ALA B 36 -3.43 14.77 -1.73
N ALA B 37 -3.61 13.68 -2.48
CA ALA B 37 -4.95 13.25 -2.87
C ALA B 37 -5.73 12.69 -1.69
N ARG B 38 -5.03 12.15 -0.69
CA ARG B 38 -5.75 11.64 0.48
C ARG B 38 -6.02 12.73 1.50
N LYS B 39 -5.16 13.76 1.57
CA LYS B 39 -5.44 14.88 2.45
C LYS B 39 -6.61 15.70 1.94
N ALA B 40 -6.52 16.16 0.68
CA ALA B 40 -7.62 16.90 0.08
C ALA B 40 -8.90 16.08 0.07
N ARG B 41 -8.78 14.77 -0.02
CA ARG B 41 -9.97 13.88 -0.03
C ARG B 41 -10.62 13.90 1.37
N ARG B 42 -9.84 14.18 2.42
CA ARG B 42 -10.47 14.27 3.77
C ARG B 42 -10.76 15.74 4.14
N ASP B 43 -9.87 16.78 3.59
CA ASP B 43 -10.11 18.23 3.87
C ASP B 43 -11.28 18.78 3.05
N GLY B 44 -11.68 18.21 1.79
CA GLY B 44 -12.82 18.73 1.02
C GLY B 44 -12.40 19.65 -0.09
N ASN B 45 -11.10 19.94 -0.12
CA ASN B 45 -10.45 20.78 -1.16
C ASN B 45 -10.60 20.13 -2.52
N LYS B 46 -11.43 20.72 -3.37
CA LYS B 46 -11.61 20.20 -4.73
C LYS B 46 -10.64 20.95 -5.67
N THR B 47 -9.76 21.79 -5.12
CA THR B 47 -8.95 22.69 -6.00
C THR B 47 -7.43 22.54 -5.92
N GLY B 48 -6.88 21.50 -5.32
CA GLY B 48 -5.40 21.39 -5.31
C GLY B 48 -4.80 20.88 -6.61
N GLY B 49 -5.58 20.20 -7.45
CA GLY B 49 -5.04 19.61 -8.69
C GLY B 49 -4.56 18.19 -8.47
N HIS B 50 -4.85 17.64 -7.30
CA HIS B 50 -4.42 16.27 -6.94
C HIS B 50 -5.36 15.25 -7.56
N PRO B 51 -4.89 14.36 -8.46
CA PRO B 51 -5.78 13.40 -9.13
C PRO B 51 -6.57 12.58 -8.12
N VAL B 52 -7.82 12.27 -8.47
CA VAL B 52 -8.71 11.58 -7.55
C VAL B 52 -8.45 10.08 -7.44
N SER B 53 -7.64 9.51 -8.34
CA SER B 53 -7.38 8.08 -8.29
C SER B 53 -6.03 7.77 -8.93
N ARG B 54 -5.59 6.52 -8.74
CA ARG B 54 -4.39 6.04 -9.40
C ARG B 54 -4.57 5.96 -10.91
N GLY B 55 -5.81 5.82 -11.38
CA GLY B 55 -6.05 5.71 -12.80
C GLY B 55 -5.61 6.93 -13.58
N SER B 56 -5.57 8.09 -12.93
CA SER B 56 -5.18 9.31 -13.62
C SER B 56 -3.76 9.21 -14.17
N ALA B 57 -2.83 8.66 -13.38
CA ALA B 57 -1.45 8.53 -13.83
C ALA B 57 -1.27 7.39 -14.83
N LYS B 58 -2.16 6.39 -14.82
CA LYS B 58 -2.08 5.33 -15.82
C LYS B 58 -2.41 5.86 -17.21
N LEU B 59 -3.46 6.67 -17.32
CA LEU B 59 -3.81 7.24 -18.61
C LEU B 59 -2.75 8.22 -19.09
N ARG B 60 -2.26 9.08 -18.20
CA ARG B 60 -1.22 10.03 -18.57
C ARG B 60 0.04 9.31 -19.07
N TRP B 61 0.30 8.10 -18.57
CA TRP B 61 1.42 7.33 -19.09
C TRP B 61 1.20 6.99 -20.57
N MET B 62 -0.03 6.60 -20.93
CA MET B 62 -0.30 6.21 -22.31
C MET B 62 -0.45 7.43 -23.22
N VAL B 63 -1.06 8.51 -22.73
CA VAL B 63 -1.24 9.70 -23.54
C VAL B 63 0.09 10.34 -23.87
N GLU B 64 0.99 10.47 -22.88
CA GLU B 64 2.27 11.10 -23.13
C GLU B 64 3.09 10.35 -24.17
N ARG B 65 2.94 9.03 -24.21
CA ARG B 65 3.62 8.19 -25.19
C ARG B 65 2.80 8.02 -26.47
N GLN B 66 1.74 8.81 -26.64
CA GLN B 66 0.95 8.87 -27.87
C GLN B 66 0.32 7.52 -28.23
N PHE B 67 0.06 6.68 -27.23
CA PHE B 67 -0.75 5.50 -27.46
C PHE B 67 -2.23 5.85 -27.62
N VAL B 68 -2.64 7.00 -27.11
CA VAL B 68 -3.97 7.55 -27.36
C VAL B 68 -3.87 9.06 -27.28
N LYS B 69 -4.56 9.75 -28.18
CA LYS B 69 -4.55 11.21 -28.24
C LYS B 69 -5.98 11.70 -28.12
N PRO B 70 -6.47 11.92 -26.89
CA PRO B 70 -7.88 12.31 -26.72
C PRO B 70 -8.18 13.64 -27.41
N ILE B 71 -9.40 13.74 -27.93
CA ILE B 71 -9.79 14.89 -28.75
C ILE B 71 -11.31 14.91 -28.89
N GLY B 72 -11.87 16.11 -29.07
CA GLY B 72 -13.30 16.21 -29.32
C GLY B 72 -14.11 15.82 -28.10
N LYS B 73 -15.14 15.01 -28.33
CA LYS B 73 -15.97 14.50 -27.25
C LYS B 73 -15.43 13.15 -26.79
N VAL B 74 -15.19 13.03 -25.48
CA VAL B 74 -14.68 11.80 -24.88
C VAL B 74 -15.80 11.16 -24.07
N VAL B 75 -15.97 9.86 -24.23
CA VAL B 75 -16.92 9.07 -23.45
C VAL B 75 -16.13 8.10 -22.59
N ASP B 76 -16.34 8.18 -21.28
CA ASP B 76 -15.56 7.42 -20.30
C ASP B 76 -16.48 6.39 -19.63
N LEU B 77 -16.39 5.14 -20.06
CA LEU B 77 -17.22 4.07 -19.53
C LEU B 77 -16.55 3.45 -18.32
N GLY B 78 -17.31 3.29 -17.25
CA GLY B 78 -16.74 2.83 -15.99
C GLY B 78 -15.83 3.88 -15.40
N CYS B 79 -16.30 5.14 -15.36
CA CYS B 79 -15.44 6.24 -15.00
C CYS B 79 -15.08 6.25 -13.52
N GLY B 80 -15.92 5.66 -12.67
CA GLY B 80 -15.60 5.61 -11.24
C GLY B 80 -15.50 7.00 -10.65
N ARG B 81 -14.43 7.24 -9.88
CA ARG B 81 -14.23 8.56 -9.28
C ARG B 81 -14.05 9.64 -10.35
N GLY B 82 -13.54 9.28 -11.51
CA GLY B 82 -13.32 10.22 -12.59
C GLY B 82 -11.87 10.53 -12.90
N GLY B 83 -10.94 9.64 -12.57
CA GLY B 83 -9.53 9.93 -12.83
C GLY B 83 -9.24 10.16 -14.29
N TRP B 84 -9.72 9.26 -15.16
CA TRP B 84 -9.50 9.45 -16.59
C TRP B 84 -10.27 10.64 -17.13
N SER B 85 -11.45 10.90 -16.58
CA SER B 85 -12.26 12.03 -17.07
C SER B 85 -11.58 13.36 -16.77
N TYR B 86 -11.07 13.53 -15.55
CA TYR B 86 -10.49 14.82 -15.20
C TYR B 86 -9.14 15.03 -15.87
N TYR B 87 -8.43 13.96 -16.21
CA TYR B 87 -7.19 14.12 -16.96
C TYR B 87 -7.48 14.52 -18.41
N ALA B 88 -8.40 13.81 -19.07
CA ALA B 88 -8.75 14.16 -20.43
C ALA B 88 -9.28 15.59 -20.53
N ALA B 89 -9.96 16.05 -19.47
CA ALA B 89 -10.52 17.40 -19.47
C ALA B 89 -9.45 18.48 -19.52
N THR B 90 -8.20 18.15 -19.22
CA THR B 90 -7.13 19.14 -19.27
C THR B 90 -6.47 19.24 -20.64
N LEU B 91 -6.66 18.23 -21.49
CA LEU B 91 -5.96 18.18 -22.77
C LEU B 91 -6.59 19.16 -23.76
N LYS B 92 -5.77 19.66 -24.69
CA LYS B 92 -6.21 20.75 -25.54
C LYS B 92 -7.25 20.31 -26.55
N GLY B 93 -7.08 19.14 -27.15
CA GLY B 93 -8.01 18.69 -28.17
C GLY B 93 -9.41 18.38 -27.65
N VAL B 94 -9.55 18.20 -26.35
CA VAL B 94 -10.79 17.73 -25.76
C VAL B 94 -11.78 18.88 -25.65
N GLN B 95 -13.04 18.60 -25.97
CA GLN B 95 -14.14 19.55 -25.83
C GLN B 95 -15.13 19.18 -24.75
N GLU B 96 -15.46 17.90 -24.64
CA GLU B 96 -16.53 17.45 -23.78
C GLU B 96 -16.18 16.06 -23.28
N VAL B 97 -16.41 15.81 -22.00
CA VAL B 97 -16.12 14.53 -21.37
C VAL B 97 -17.40 13.99 -20.74
N ARG B 98 -17.83 12.82 -21.18
CA ARG B 98 -19.04 12.16 -20.69
C ARG B 98 -18.64 10.87 -20.01
N GLY B 99 -18.80 10.80 -18.69
CA GLY B 99 -18.40 9.65 -17.91
C GLY B 99 -19.62 8.94 -17.34
N TYR B 100 -19.62 7.62 -17.48
CA TYR B 100 -20.66 6.76 -16.93
C TYR B 100 -20.03 5.71 -16.01
N THR B 101 -20.71 5.41 -14.92
CA THR B 101 -20.22 4.42 -13.97
C THR B 101 -21.42 3.78 -13.26
N LYS B 102 -21.20 2.58 -12.76
CA LYS B 102 -22.30 1.80 -12.19
C LYS B 102 -22.84 2.45 -10.93
N GLY B 103 -21.97 2.75 -9.98
CA GLY B 103 -22.42 3.28 -8.71
C GLY B 103 -23.22 2.27 -7.92
N GLY B 104 -23.71 2.74 -6.79
CA GLY B 104 -24.37 1.89 -5.84
C GLY B 104 -23.39 1.34 -4.84
N PRO B 105 -23.85 0.48 -3.94
CA PRO B 105 -22.98 -0.03 -2.86
C PRO B 105 -21.81 -0.82 -3.43
N GLY B 106 -20.61 -0.53 -2.94
CA GLY B 106 -19.43 -1.25 -3.38
C GLY B 106 -18.87 -0.85 -4.72
N HIS B 107 -19.40 0.19 -5.35
CA HIS B 107 -18.88 0.71 -6.60
C HIS B 107 -18.57 2.20 -6.41
N GLU B 108 -17.42 2.63 -6.93
N GLU B 108 -17.44 2.62 -6.98
CA GLU B 108 -16.96 3.98 -6.67
CA GLU B 108 -16.96 3.99 -6.79
C GLU B 108 -17.90 5.01 -7.29
C GLU B 108 -17.97 5.00 -7.31
N GLU B 109 -18.21 6.05 -6.52
CA GLU B 109 -19.04 7.17 -6.91
C GLU B 109 -18.19 8.27 -7.54
N PRO B 110 -18.71 8.94 -8.56
CA PRO B 110 -17.96 10.07 -9.15
C PRO B 110 -17.72 11.18 -8.14
N MET B 111 -16.48 11.62 -8.04
CA MET B 111 -16.09 12.74 -7.21
C MET B 111 -16.21 14.04 -7.99
N LEU B 112 -16.73 15.07 -7.33
CA LEU B 112 -16.80 16.41 -7.92
C LEU B 112 -15.51 17.15 -7.59
N MET B 113 -14.84 17.66 -8.63
CA MET B 113 -13.57 18.33 -8.47
C MET B 113 -13.50 19.56 -9.36
N GLN B 114 -12.59 20.47 -9.01
CA GLN B 114 -12.38 21.70 -9.75
C GLN B 114 -10.99 21.75 -10.39
N SER B 115 -10.50 20.59 -10.84
CA SER B 115 -9.27 20.57 -11.61
C SER B 115 -9.48 21.28 -12.95
N TYR B 116 -8.37 21.52 -13.65
CA TYR B 116 -8.40 22.27 -14.88
C TYR B 116 -9.36 21.64 -15.89
N GLY B 117 -10.31 22.43 -16.39
CA GLY B 117 -11.27 21.97 -17.36
C GLY B 117 -12.47 21.26 -16.79
N TRP B 118 -12.70 21.36 -15.48
CA TRP B 118 -13.77 20.58 -14.83
C TRP B 118 -15.14 20.92 -15.38
N ASN B 119 -15.34 22.14 -15.87
CA ASN B 119 -16.64 22.51 -16.43
C ASN B 119 -16.98 21.71 -17.68
N LEU B 120 -16.00 21.05 -18.29
CA LEU B 120 -16.26 20.21 -19.45
C LEU B 120 -16.69 18.79 -19.06
N VAL B 121 -16.62 18.44 -17.78
CA VAL B 121 -16.86 17.08 -17.32
C VAL B 121 -18.27 16.97 -16.77
N THR B 122 -19.03 16.03 -17.32
CA THR B 122 -20.30 15.60 -16.73
C THR B 122 -20.22 14.09 -16.53
N MET B 123 -20.39 13.65 -15.28
CA MET B 123 -20.37 12.24 -14.94
C MET B 123 -21.73 11.83 -14.39
N LYS B 124 -22.21 10.68 -14.84
CA LYS B 124 -23.50 10.14 -14.39
C LYS B 124 -23.26 8.76 -13.78
N SER B 125 -23.64 8.62 -12.51
CA SER B 125 -23.58 7.33 -11.85
C SER B 125 -24.93 6.63 -11.99
N GLY B 126 -24.98 5.38 -11.54
CA GLY B 126 -26.20 4.62 -11.70
C GLY B 126 -26.45 4.15 -13.12
N VAL B 127 -25.41 4.14 -13.96
CA VAL B 127 -25.52 3.74 -15.35
C VAL B 127 -24.73 2.46 -15.53
N ASP B 128 -25.42 1.34 -15.77
CA ASP B 128 -24.77 0.09 -16.15
C ASP B 128 -24.52 0.12 -17.66
N VAL B 129 -23.24 0.11 -18.05
CA VAL B 129 -22.88 0.31 -19.45
C VAL B 129 -23.40 -0.82 -20.33
N TYR B 130 -23.56 -2.02 -19.77
CA TYR B 130 -24.02 -3.16 -20.56
C TYR B 130 -25.43 -2.97 -21.10
N TYR B 131 -26.19 -2.00 -20.58
CA TYR B 131 -27.53 -1.72 -21.06
C TYR B 131 -27.70 -0.30 -21.59
N LYS B 132 -26.59 0.45 -21.71
CA LYS B 132 -26.69 1.84 -22.16
C LYS B 132 -26.44 1.93 -23.65
N PRO B 133 -27.27 2.62 -24.41
CA PRO B 133 -27.06 2.72 -25.85
C PRO B 133 -25.85 3.57 -26.16
N SER B 134 -25.22 3.29 -27.30
CA SER B 134 -24.06 4.06 -27.71
C SER B 134 -24.48 5.45 -28.18
N GLU B 135 -23.60 6.42 -27.94
CA GLU B 135 -23.73 7.78 -28.40
C GLU B 135 -22.55 8.12 -29.31
N PRO B 136 -22.71 9.07 -30.23
CA PRO B 136 -21.56 9.50 -31.05
C PRO B 136 -20.49 10.15 -30.18
N CYS B 137 -19.23 9.85 -30.49
CA CYS B 137 -18.11 10.40 -29.74
C CYS B 137 -16.86 10.28 -30.60
N ASP B 138 -15.81 11.00 -30.17
CA ASP B 138 -14.53 11.00 -30.87
C ASP B 138 -13.47 10.15 -30.18
N THR B 139 -13.51 10.06 -28.85
CA THR B 139 -12.54 9.31 -28.08
C THR B 139 -13.30 8.38 -27.14
N LEU B 140 -12.90 7.12 -27.08
CA LEU B 140 -13.59 6.10 -26.32
C LEU B 140 -12.67 5.56 -25.23
N PHE B 141 -13.07 5.74 -23.97
CA PHE B 141 -12.40 5.14 -22.83
C PHE B 141 -13.29 4.05 -22.22
N CYS B 142 -12.66 2.99 -21.73
CA CYS B 142 -13.36 1.96 -20.96
C CYS B 142 -12.36 1.26 -20.06
N ASP B 143 -12.56 1.33 -18.75
CA ASP B 143 -11.59 0.86 -17.76
C ASP B 143 -12.27 -0.08 -16.77
N ILE B 144 -12.98 -1.08 -17.27
CA ILE B 144 -13.80 -1.97 -16.45
C ILE B 144 -13.16 -3.35 -16.42
N GLY B 145 -13.10 -3.95 -15.24
CA GLY B 145 -12.55 -5.29 -15.07
C GLY B 145 -12.30 -5.66 -13.63
N GLU B 146 -13.19 -6.47 -13.05
CA GLU B 146 -13.06 -6.92 -11.68
C GLU B 146 -12.17 -8.16 -11.64
N SER B 147 -10.98 -8.02 -11.07
CA SER B 147 -10.04 -9.13 -10.97
C SER B 147 -10.66 -10.30 -10.21
N SER B 148 -10.13 -11.49 -10.48
CA SER B 148 -10.60 -12.72 -9.85
C SER B 148 -9.51 -13.77 -9.93
N SER B 149 -9.39 -14.57 -8.87
CA SER B 149 -8.41 -15.66 -8.88
C SER B 149 -8.71 -16.65 -9.99
N SER B 150 -9.99 -16.79 -10.37
CA SER B 150 -10.37 -17.67 -11.46
C SER B 150 -10.13 -16.99 -12.80
N ALA B 151 -9.24 -17.57 -13.61
CA ALA B 151 -8.97 -17.02 -14.93
C ALA B 151 -10.13 -17.25 -15.90
N GLU B 152 -11.02 -18.20 -15.60
CA GLU B 152 -12.22 -18.36 -16.41
C GLU B 152 -13.24 -17.25 -16.13
N VAL B 153 -13.32 -16.82 -14.87
CA VAL B 153 -14.15 -15.67 -14.53
C VAL B 153 -13.62 -14.42 -15.21
N GLU B 154 -12.30 -14.21 -15.14
CA GLU B 154 -11.70 -13.05 -15.79
C GLU B 154 -11.90 -13.10 -17.30
N GLU B 155 -11.97 -14.30 -17.87
CA GLU B 155 -12.16 -14.41 -19.32
C GLU B 155 -13.57 -14.00 -19.73
N GLN B 156 -14.60 -14.52 -19.02
CA GLN B 156 -15.97 -14.14 -19.33
C GLN B 156 -16.21 -12.66 -19.10
N ARG B 157 -15.55 -12.07 -18.10
CA ARG B 157 -15.69 -10.64 -17.86
C ARG B 157 -15.03 -9.84 -18.96
N THR B 158 -13.85 -10.27 -19.42
CA THR B 158 -13.15 -9.56 -20.49
C THR B 158 -13.95 -9.62 -21.79
N LEU B 159 -14.40 -10.83 -22.17
CA LEU B 159 -15.15 -10.98 -23.41
C LEU B 159 -16.45 -10.17 -23.37
N ARG B 160 -17.09 -10.09 -22.21
CA ARG B 160 -18.32 -9.32 -22.10
C ARG B 160 -18.06 -7.84 -22.35
N ILE B 161 -16.94 -7.33 -21.84
CA ILE B 161 -16.54 -5.95 -22.12
C ILE B 161 -16.24 -5.78 -23.60
N LEU B 162 -15.52 -6.73 -24.20
CA LEU B 162 -15.12 -6.57 -25.59
C LEU B 162 -16.30 -6.66 -26.55
N GLU B 163 -17.38 -7.35 -26.15
CA GLU B 163 -18.58 -7.32 -26.95
C GLU B 163 -19.33 -6.01 -26.78
N MET B 164 -19.28 -5.44 -25.57
CA MET B 164 -19.98 -4.20 -25.30
C MET B 164 -19.37 -3.03 -26.06
N VAL B 165 -18.04 -2.94 -26.10
CA VAL B 165 -17.38 -1.78 -26.67
C VAL B 165 -17.49 -1.75 -28.20
N SER B 166 -17.68 -2.90 -28.84
CA SER B 166 -17.75 -2.93 -30.30
C SER B 166 -18.90 -2.10 -30.82
N ASP B 167 -20.01 -2.04 -30.09
CA ASP B 167 -21.12 -1.16 -30.47
C ASP B 167 -20.72 0.30 -30.35
N TRP B 168 -19.80 0.63 -29.44
CA TRP B 168 -19.33 2.01 -29.33
C TRP B 168 -18.33 2.33 -30.42
N LEU B 169 -17.49 1.37 -30.80
CA LEU B 169 -16.52 1.61 -31.86
C LEU B 169 -17.19 1.69 -33.22
N GLN B 170 -18.35 1.05 -33.38
CA GLN B 170 -19.12 1.21 -34.61
C GLN B 170 -19.49 2.66 -34.87
N ARG B 171 -19.50 3.50 -33.84
CA ARG B 171 -19.85 4.90 -33.97
C ARG B 171 -18.77 5.75 -34.61
N GLY B 172 -17.60 5.17 -34.90
CA GLY B 172 -16.55 5.89 -35.58
C GLY B 172 -15.39 6.47 -34.78
N PRO B 173 -15.36 6.38 -33.44
CA PRO B 173 -14.26 7.05 -32.72
C PRO B 173 -12.93 6.36 -33.00
N ARG B 174 -11.95 7.15 -33.41
CA ARG B 174 -10.66 6.61 -33.83
C ARG B 174 -9.59 6.69 -32.76
N GLU B 175 -9.86 7.40 -31.66
CA GLU B 175 -9.01 7.38 -30.48
C GLU B 175 -9.71 6.54 -29.43
N PHE B 176 -9.05 5.49 -28.94
CA PHE B 176 -9.67 4.69 -27.90
C PHE B 176 -8.62 4.08 -26.99
N CYS B 177 -9.03 3.82 -25.75
CA CYS B 177 -8.19 3.20 -24.73
C CYS B 177 -9.10 2.32 -23.89
N ILE B 178 -8.94 1.00 -24.02
CA ILE B 178 -9.87 0.04 -23.46
C ILE B 178 -9.08 -0.98 -22.66
N LYS B 179 -9.47 -1.18 -21.40
CA LYS B 179 -8.80 -2.15 -20.53
C LYS B 179 -9.17 -3.57 -20.93
N VAL B 180 -8.16 -4.42 -21.08
CA VAL B 180 -8.36 -5.84 -21.28
C VAL B 180 -7.84 -6.54 -20.03
N LEU B 181 -8.78 -7.00 -19.19
CA LEU B 181 -8.42 -7.55 -17.88
C LEU B 181 -7.61 -8.83 -18.01
N CYS B 182 -8.01 -9.72 -18.91
CA CYS B 182 -7.42 -11.06 -19.02
C CYS B 182 -6.99 -11.29 -20.47
N PRO B 183 -5.88 -10.69 -20.89
CA PRO B 183 -5.47 -10.79 -22.30
C PRO B 183 -4.70 -12.05 -22.64
N TYR B 184 -4.49 -12.95 -21.68
CA TYR B 184 -3.71 -14.17 -21.93
C TYR B 184 -4.55 -15.40 -22.21
N MET B 185 -5.87 -15.32 -22.04
CA MET B 185 -6.69 -16.47 -22.39
C MET B 185 -6.86 -16.54 -23.91
N PRO B 186 -6.82 -17.75 -24.49
CA PRO B 186 -6.85 -17.86 -25.96
C PRO B 186 -8.07 -17.23 -26.62
N ARG B 187 -9.27 -17.43 -26.05
CA ARG B 187 -10.46 -16.84 -26.67
C ARG B 187 -10.43 -15.32 -26.61
N VAL B 188 -9.75 -14.75 -25.63
CA VAL B 188 -9.60 -13.29 -25.57
C VAL B 188 -8.63 -12.83 -26.65
N MET B 189 -7.50 -13.52 -26.81
CA MET B 189 -6.56 -13.19 -27.88
C MET B 189 -7.23 -13.25 -29.24
N GLU B 190 -7.97 -14.33 -29.51
CA GLU B 190 -8.70 -14.44 -30.77
C GLU B 190 -9.64 -13.28 -30.98
N ARG B 191 -10.47 -12.97 -29.98
CA ARG B 191 -11.39 -11.86 -30.07
C ARG B 191 -10.67 -10.54 -30.32
N LEU B 192 -9.49 -10.37 -29.73
CA LEU B 192 -8.72 -9.14 -29.94
C LEU B 192 -8.15 -9.06 -31.35
N GLU B 193 -7.74 -10.20 -31.91
CA GLU B 193 -7.31 -10.22 -33.31
C GLU B 193 -8.44 -9.76 -34.23
N VAL B 194 -9.65 -10.25 -33.98
CA VAL B 194 -10.80 -9.86 -34.80
C VAL B 194 -11.06 -8.36 -34.66
N LEU B 195 -11.13 -7.86 -33.43
CA LEU B 195 -11.38 -6.44 -33.23
C LEU B 195 -10.24 -5.58 -33.75
N GLN B 196 -9.01 -6.08 -33.68
CA GLN B 196 -7.88 -5.32 -34.20
C GLN B 196 -7.95 -5.19 -35.72
N ARG B 197 -8.37 -6.25 -36.41
CA ARG B 197 -8.51 -6.19 -37.86
C ARG B 197 -9.55 -5.17 -38.27
N ARG B 198 -10.61 -5.02 -37.48
CA ARG B 198 -11.71 -4.13 -37.84
C ARG B 198 -11.44 -2.69 -37.40
N TYR B 199 -10.85 -2.48 -36.22
CA TYR B 199 -10.71 -1.13 -35.67
C TYR B 199 -9.27 -0.70 -35.42
N GLY B 200 -8.30 -1.60 -35.50
CA GLY B 200 -6.90 -1.21 -35.36
C GLY B 200 -6.43 -1.23 -33.92
N GLY B 201 -5.34 -0.50 -33.70
CA GLY B 201 -4.74 -0.41 -32.38
C GLY B 201 -3.95 -1.65 -32.00
N GLY B 202 -3.55 -1.68 -30.73
CA GLY B 202 -2.79 -2.80 -30.21
C GLY B 202 -2.77 -2.76 -28.70
N LEU B 203 -2.24 -3.82 -28.11
CA LEU B 203 -2.19 -3.98 -26.66
C LEU B 203 -0.90 -3.40 -26.09
N VAL B 204 -1.02 -2.86 -24.88
CA VAL B 204 0.11 -2.21 -24.22
C VAL B 204 0.01 -2.48 -22.72
N ARG B 205 1.17 -2.61 -22.08
CA ARG B 205 1.25 -2.85 -20.64
C ARG B 205 1.75 -1.58 -19.96
N VAL B 206 0.96 -1.05 -19.03
CA VAL B 206 1.31 0.14 -18.29
C VAL B 206 2.14 -0.27 -17.08
N PRO B 207 3.35 0.26 -16.89
CA PRO B 207 4.18 -0.15 -15.75
C PRO B 207 3.60 0.22 -14.41
N LEU B 208 2.56 1.07 -14.37
CA LEU B 208 1.89 1.38 -13.11
C LEU B 208 0.99 0.26 -12.63
N SER B 209 0.68 -0.72 -13.47
CA SER B 209 -0.11 -1.86 -13.05
C SER B 209 0.64 -2.70 -12.02
N ARG B 210 -0.11 -3.35 -11.14
CA ARG B 210 0.49 -4.25 -10.17
C ARG B 210 0.78 -5.60 -10.83
N ASN B 211 1.86 -6.24 -10.36
CA ASN B 211 2.23 -7.57 -10.86
C ASN B 211 1.17 -8.62 -10.54
N SER B 212 0.27 -8.33 -9.62
CA SER B 212 -0.78 -9.28 -9.25
C SER B 212 -1.91 -9.35 -10.28
N ASN B 213 -1.83 -8.61 -11.38
CA ASN B 213 -2.85 -8.71 -12.42
C ASN B 213 -2.22 -8.40 -13.78
N HIS B 214 -2.75 -9.04 -14.81
CA HIS B 214 -2.18 -9.06 -16.15
C HIS B 214 -2.84 -8.06 -17.08
N GLU B 215 -3.46 -7.01 -16.55
CA GLU B 215 -4.23 -6.08 -17.37
C GLU B 215 -3.36 -5.45 -18.44
N MET B 216 -3.92 -5.32 -19.64
CA MET B 216 -3.31 -4.59 -20.74
C MET B 216 -4.39 -3.78 -21.43
N TYR B 217 -3.99 -2.71 -22.08
CA TYR B 217 -4.92 -1.73 -22.64
C TYR B 217 -4.87 -1.77 -24.16
N TRP B 218 -6.03 -2.00 -24.77
CA TRP B 218 -6.18 -1.94 -26.23
C TRP B 218 -6.31 -0.48 -26.63
N VAL B 219 -5.22 0.11 -27.10
CA VAL B 219 -5.17 1.53 -27.42
C VAL B 219 -5.01 1.71 -28.92
N SER B 220 -5.61 2.79 -29.43
CA SER B 220 -5.65 3.00 -30.87
C SER B 220 -4.30 3.38 -31.46
N GLY B 221 -3.37 3.88 -30.65
CA GLY B 221 -2.07 4.27 -31.14
C GLY B 221 -1.01 3.20 -31.09
N ALA B 222 -1.36 1.95 -30.79
CA ALA B 222 -0.43 0.84 -30.80
C ALA B 222 -0.64 -0.02 -32.04
N ALA B 223 0.25 -0.99 -32.22
CA ALA B 223 0.17 -1.88 -33.38
C ALA B 223 0.92 -3.16 -33.06
N GLY B 224 0.88 -4.09 -34.01
CA GLY B 224 1.69 -5.29 -33.94
C GLY B 224 0.90 -6.51 -33.49
N ASN B 225 1.61 -7.64 -33.48
CA ASN B 225 1.01 -8.93 -33.16
C ASN B 225 0.50 -8.95 -31.73
N ILE B 226 -0.80 -9.21 -31.58
CA ILE B 226 -1.42 -9.15 -30.26
C ILE B 226 -0.91 -10.28 -29.37
N VAL B 227 -0.74 -11.49 -29.93
CA VAL B 227 -0.23 -12.60 -29.14
C VAL B 227 1.19 -12.33 -28.67
N HIS B 228 1.97 -11.63 -29.50
CA HIS B 228 3.34 -11.29 -29.13
C HIS B 228 3.37 -10.41 -27.89
N ALA B 229 2.64 -9.29 -27.93
CA ALA B 229 2.70 -8.32 -26.83
C ALA B 229 2.25 -8.94 -25.51
N VAL B 230 1.26 -9.82 -25.54
CA VAL B 230 0.79 -10.49 -24.29
C VAL B 230 1.92 -11.35 -23.70
N ASN B 231 2.63 -12.11 -24.53
CA ASN B 231 3.67 -13.04 -24.02
C ASN B 231 4.85 -12.27 -23.41
N MET B 232 5.28 -11.17 -24.03
CA MET B 232 6.35 -10.31 -23.47
C MET B 232 5.93 -9.82 -22.08
N THR B 233 4.72 -9.25 -21.94
CA THR B 233 4.20 -8.89 -20.60
C THR B 233 4.29 -10.11 -19.68
N SER B 234 3.95 -11.29 -20.20
CA SER B 234 3.95 -12.49 -19.36
C SER B 234 5.36 -12.89 -18.97
N GLN B 235 6.35 -12.65 -19.83
CA GLN B 235 7.73 -12.93 -19.48
C GLN B 235 8.21 -12.03 -18.34
N VAL B 236 7.91 -10.73 -18.44
CA VAL B 236 8.33 -9.79 -17.40
C VAL B 236 7.73 -10.17 -16.05
N LEU B 237 6.41 -10.39 -16.03
CA LEU B 237 5.73 -10.68 -14.77
C LEU B 237 6.22 -11.99 -14.14
N ILE B 238 6.60 -12.97 -14.96
CA ILE B 238 7.10 -14.23 -14.42
C ILE B 238 8.52 -14.03 -13.88
N GLY B 239 9.33 -13.24 -14.58
CA GLY B 239 10.67 -12.96 -14.11
C GLY B 239 10.70 -12.24 -12.79
N ARG B 240 9.67 -11.42 -12.50
CA ARG B 240 9.59 -10.76 -11.21
C ARG B 240 9.21 -11.72 -10.10
N MET B 241 8.60 -12.85 -10.43
CA MET B 241 8.26 -13.84 -9.42
C MET B 241 9.46 -14.73 -9.08
N GLU B 242 10.33 -14.98 -10.07
CA GLU B 242 11.49 -15.84 -9.85
C GLU B 242 12.55 -15.14 -9.00
N LYS B 243 12.75 -13.85 -9.21
CA LYS B 243 13.96 -13.17 -8.75
C LYS B 243 14.16 -13.32 -7.25
N ARG B 244 15.41 -13.30 -6.79
CA ARG B 244 15.71 -13.60 -5.36
C ARG B 244 15.58 -12.38 -4.43
N THR B 245 16.22 -11.24 -4.74
CA THR B 245 16.17 -10.09 -3.80
C THR B 245 14.96 -9.19 -4.15
N TRP B 246 14.28 -8.60 -3.17
CA TRP B 246 13.08 -7.85 -3.54
C TRP B 246 13.25 -6.41 -3.10
N HIS B 247 13.19 -5.48 -4.06
CA HIS B 247 13.53 -4.10 -3.78
C HIS B 247 12.32 -3.17 -3.67
N GLY B 248 11.16 -3.58 -4.17
CA GLY B 248 9.97 -2.75 -4.09
C GLY B 248 9.69 -2.00 -5.38
N PRO B 249 8.82 -1.00 -5.32
CA PRO B 249 8.47 -0.23 -6.52
C PRO B 249 9.34 1.02 -6.68
N LYS B 250 9.36 1.52 -7.91
CA LYS B 250 10.01 2.79 -8.22
C LYS B 250 8.98 3.90 -7.99
N TYR B 251 9.08 4.57 -6.85
CA TYR B 251 8.11 5.60 -6.53
C TYR B 251 8.29 6.83 -7.42
N GLU B 252 7.16 7.44 -7.78
CA GLU B 252 7.18 8.64 -8.60
C GLU B 252 6.22 9.66 -8.02
N GLU B 253 6.36 10.90 -8.48
CA GLU B 253 5.40 11.94 -8.16
C GLU B 253 4.29 11.91 -9.19
N ASP B 254 3.07 12.12 -8.71
CA ASP B 254 1.99 12.48 -9.61
C ASP B 254 2.32 13.81 -10.30
N VAL B 255 1.55 14.11 -11.33
CA VAL B 255 1.54 15.41 -11.98
C VAL B 255 0.20 16.06 -11.66
N ASN B 256 0.24 17.31 -11.20
CA ASN B 256 -0.94 18.02 -10.74
C ASN B 256 -1.77 18.51 -11.93
N LEU B 257 -3.08 18.31 -11.85
CA LEU B 257 -3.97 18.65 -12.95
C LEU B 257 -4.20 20.16 -13.09
N GLY B 258 -3.84 20.94 -12.09
CA GLY B 258 -4.11 22.36 -12.13
C GLY B 258 -5.51 22.69 -11.65
N SER B 259 -6.00 23.84 -12.10
CA SER B 259 -7.33 24.30 -11.74
C SER B 259 -7.79 25.32 -12.78
N GLY B 260 -9.04 25.72 -12.66
CA GLY B 260 -9.59 26.74 -13.53
C GLY B 260 -10.49 26.15 -14.61
N THR B 261 -11.45 26.95 -15.05
CA THR B 261 -12.37 26.53 -16.10
C THR B 261 -11.74 26.74 -17.47
N ARG B 262 -12.33 26.08 -18.47
CA ARG B 262 -11.97 26.27 -19.86
C ARG B 262 -13.20 26.74 -20.64
N ALA B 263 -12.96 27.53 -21.69
CA ALA B 263 -14.02 28.02 -22.55
C ALA B 263 -14.09 27.12 -23.78
N VAL B 264 -15.17 26.36 -23.90
CA VAL B 264 -15.34 25.46 -25.03
C VAL B 264 -15.83 26.21 -26.27
#